data_4IW7
#
_entry.id   4IW7
#
_cell.length_a   113.486
_cell.length_b   113.486
_cell.length_c   158.128
_cell.angle_alpha   90.00
_cell.angle_beta   90.00
_cell.angle_gamma   120.00
#
_symmetry.space_group_name_H-M   'H 3 2'
#
loop_
_entity.id
_entity.type
_entity.pdbx_description
1 polymer '8-amino-7-oxononanoate synthase'
2 water water
#
_entity_poly.entity_id   1
_entity_poly.type   'polypeptide(L)'
_entity_poly.pdbx_seq_one_letter_code
;MHHHHHHSSGVDLGTENLYFQSNAMLNLQDKYTQYQRDNLLRELTPFIKDDSIIDFTTSDYLNLSSAHNLKHAIVNGFDK
YGFGSKGSNIVCGYTDETQQFEHEFAKFINYPRAIFFSSGFMANLAIYSTLFSKHDSIFADKYIHASIIDGIKLSQAKLR
RYKHQQLSQLQDIYDGKSFITTEGVFSTSGSITQLDKLAKITPEKLIVDEAHSFGVLGKNGRGAINSFRISYKNCLICVF
PLGKAFGGVGAVVCTTEAIAEYLIQFARNYIYTTALPPMILKAALIQLKNLENVNDNRARLQQNITFFNELCDAKDLELV
SKDLSPIRSIQLNNANLAIRLKDKLFENKIIVS(CSD)FRYPTVPKDQAILRFSLHSNNTFDQIQQALEIISKEVKYEYI
RSN
;
_entity_poly.pdbx_strand_id   A
#
# COMPACT_ATOMS: atom_id res chain seq x y z
N ASP A 50 12.84 16.42 19.33
CA ASP A 50 12.76 15.07 19.98
C ASP A 50 11.35 14.44 19.89
N ASP A 51 10.35 15.06 20.52
CA ASP A 51 8.93 14.58 20.48
C ASP A 51 7.99 15.49 19.68
N SER A 52 8.53 16.64 19.30
CA SER A 52 7.88 17.65 18.50
C SER A 52 8.20 17.38 17.04
N ILE A 53 8.36 16.09 16.71
CA ILE A 53 8.72 15.67 15.38
C ILE A 53 7.48 15.61 14.54
N ILE A 54 7.57 16.14 13.33
CA ILE A 54 6.50 16.07 12.42
C ILE A 54 6.92 15.05 11.36
N ASP A 55 6.38 13.84 11.48
CA ASP A 55 6.76 12.75 10.58
CA ASP A 55 6.70 12.72 10.61
C ASP A 55 5.74 12.69 9.43
N PHE A 56 6.26 12.86 8.21
CA PHE A 56 5.51 12.72 7.00
C PHE A 56 6.18 11.61 6.20
N THR A 57 6.72 10.60 6.84
CA THR A 57 7.27 9.44 6.14
C THR A 57 6.86 8.09 6.68
N THR A 58 6.19 7.96 7.82
CA THR A 58 5.70 6.63 8.21
C THR A 58 4.54 6.27 7.34
N SER A 59 4.17 5.02 7.34
CA SER A 59 2.97 4.59 6.68
C SER A 59 1.80 4.24 7.65
N ASP A 60 1.84 4.77 8.85
CA ASP A 60 0.84 4.46 9.90
C ASP A 60 -0.39 5.37 9.70
N TYR A 61 -1.08 5.22 8.59
CA TYR A 61 -2.01 6.26 8.14
C TYR A 61 -3.16 6.50 9.09
N LEU A 62 -3.52 5.49 9.88
CA LEU A 62 -4.62 5.59 10.83
C LEU A 62 -4.17 5.69 12.26
N ASN A 63 -2.87 5.93 12.47
CA ASN A 63 -2.24 5.85 13.78
C ASN A 63 -2.65 4.62 14.60
N LEU A 64 -2.75 3.48 13.94
CA LEU A 64 -3.12 2.28 14.64
C LEU A 64 -1.94 1.53 15.29
N SER A 65 -0.71 1.84 14.94
CA SER A 65 0.47 1.08 15.47
C SER A 65 0.60 1.19 16.98
N SER A 66 0.07 2.29 17.50
CA SER A 66 -0.09 2.55 18.91
C SER A 66 -1.54 2.36 19.41
N ALA A 67 -2.24 1.35 18.90
CA ALA A 67 -3.54 1.03 19.45
C ALA A 67 -3.34 0.55 20.89
N HIS A 68 -4.15 1.11 21.78
CA HIS A 68 -4.07 0.87 23.23
C HIS A 68 -4.73 -0.42 23.74
N ASN A 69 -5.33 -1.21 22.84
CA ASN A 69 -6.11 -2.39 23.25
C ASN A 69 -5.52 -3.72 22.80
N LEU A 70 -4.23 -3.73 22.52
CA LEU A 70 -3.54 -4.91 22.02
C LEU A 70 -2.60 -5.60 23.03
N LYS A 71 -2.40 -5.00 24.20
CA LYS A 71 -1.36 -5.48 25.09
C LYS A 71 -1.70 -6.85 25.67
N HIS A 72 -2.95 -7.06 26.06
CA HIS A 72 -3.37 -8.35 26.60
C HIS A 72 -3.21 -9.43 25.55
N ALA A 73 -3.58 -9.08 24.32
CA ALA A 73 -3.52 -10.00 23.19
C ALA A 73 -2.13 -10.54 23.03
N ILE A 74 -1.15 -9.64 23.07
CA ILE A 74 0.24 -10.02 22.87
C ILE A 74 0.72 -10.91 24.01
N VAL A 75 0.46 -10.45 25.22
CA VAL A 75 0.79 -11.17 26.42
C VAL A 75 0.24 -12.59 26.39
N ASN A 76 -1.02 -12.73 26.02
CA ASN A 76 -1.65 -14.05 26.02
C ASN A 76 -1.06 -14.91 24.94
N GLY A 77 -0.96 -14.34 23.75
CA GLY A 77 -0.33 -15.03 22.64
C GLY A 77 1.03 -15.57 23.03
N PHE A 78 1.80 -14.78 23.80
CA PHE A 78 3.13 -15.21 24.18
C PHE A 78 3.09 -16.31 25.26
N ASP A 79 2.17 -16.20 26.22
CA ASP A 79 1.99 -17.27 27.20
C ASP A 79 1.64 -18.59 26.51
N LYS A 80 0.76 -18.53 25.50
CA LYS A 80 0.31 -19.74 24.81
C LYS A 80 1.35 -20.33 23.86
N TYR A 81 2.03 -19.50 23.08
CA TYR A 81 2.90 -20.00 22.00
C TYR A 81 4.38 -19.78 22.24
N GLY A 82 4.71 -19.05 23.30
CA GLY A 82 6.07 -18.64 23.51
C GLY A 82 6.56 -17.73 22.39
N PHE A 83 7.85 -17.78 22.17
CA PHE A 83 8.59 -16.78 21.40
C PHE A 83 8.75 -17.23 19.94
N GLY A 84 8.76 -18.55 19.72
CA GLY A 84 9.09 -19.13 18.42
C GLY A 84 7.91 -19.41 17.50
N SER A 85 7.98 -20.52 16.76
CA SER A 85 6.96 -20.90 15.78
C SER A 85 6.45 -22.36 15.92
N LYS A 86 5.48 -22.72 15.08
CA LYS A 86 5.01 -24.12 14.97
C LYS A 86 4.50 -24.68 16.30
N THR A 95 -2.46 -23.22 12.92
CA THR A 95 -2.80 -22.54 14.18
C THR A 95 -4.29 -22.16 14.21
N ASP A 96 -4.94 -22.32 15.37
CA ASP A 96 -6.31 -21.87 15.55
C ASP A 96 -6.42 -20.44 15.05
N GLU A 97 -5.56 -19.56 15.56
CA GLU A 97 -5.71 -18.13 15.30
C GLU A 97 -5.40 -17.73 13.85
N THR A 98 -4.45 -18.40 13.21
CA THR A 98 -4.15 -18.12 11.81
C THR A 98 -5.42 -18.33 10.95
N GLN A 99 -6.04 -19.50 11.09
CA GLN A 99 -7.27 -19.78 10.32
C GLN A 99 -8.40 -18.86 10.72
N GLN A 100 -8.44 -18.52 11.99
CA GLN A 100 -9.45 -17.60 12.51
C GLN A 100 -9.27 -16.23 11.83
N PHE A 101 -8.02 -15.79 11.75
CA PHE A 101 -7.69 -14.54 11.13
C PHE A 101 -8.01 -14.63 9.65
N GLU A 102 -7.52 -15.66 8.98
CA GLU A 102 -7.79 -15.82 7.56
C GLU A 102 -9.31 -15.80 7.31
N HIS A 103 -10.08 -16.51 8.13
CA HIS A 103 -11.52 -16.48 8.00
C HIS A 103 -12.07 -15.06 8.08
N GLU A 104 -11.73 -14.36 9.16
CA GLU A 104 -12.20 -12.98 9.35
C GLU A 104 -11.72 -12.01 8.28
N PHE A 105 -10.50 -12.20 7.76
CA PHE A 105 -10.02 -11.32 6.71
C PHE A 105 -10.85 -11.51 5.43
N ALA A 106 -10.93 -12.74 4.99
CA ALA A 106 -11.70 -13.05 3.79
C ALA A 106 -13.13 -12.49 3.88
N LYS A 107 -13.73 -12.62 5.05
CA LYS A 107 -15.08 -12.08 5.34
C LYS A 107 -15.13 -10.58 5.18
N PHE A 108 -14.14 -9.89 5.77
CA PHE A 108 -14.08 -8.45 5.71
C PHE A 108 -13.95 -7.95 4.28
N ILE A 109 -13.03 -8.55 3.54
CA ILE A 109 -12.77 -8.16 2.16
C ILE A 109 -13.81 -8.73 1.18
N ASN A 110 -14.51 -9.76 1.63
CA ASN A 110 -15.52 -10.45 0.83
CA ASN A 110 -15.54 -10.41 0.82
C ASN A 110 -14.92 -11.28 -0.30
N TYR A 111 -13.91 -12.08 0.05
CA TYR A 111 -13.32 -13.02 -0.90
C TYR A 111 -13.53 -14.45 -0.41
N PRO A 112 -13.48 -15.44 -1.32
CA PRO A 112 -13.67 -16.82 -0.88
C PRO A 112 -12.60 -17.31 0.13
N ARG A 113 -11.35 -16.90 -0.08
CA ARG A 113 -10.23 -17.46 0.68
C ARG A 113 -9.16 -16.42 1.02
N ALA A 114 -8.47 -16.67 2.12
CA ALA A 114 -7.39 -15.83 2.55
C ALA A 114 -6.28 -16.71 3.10
N ILE A 115 -5.07 -16.48 2.60
CA ILE A 115 -3.84 -17.09 3.11
C ILE A 115 -2.94 -16.02 3.71
N PHE A 116 -2.52 -16.28 4.94
CA PHE A 116 -1.67 -15.37 5.67
C PHE A 116 -0.19 -15.64 5.41
N PHE A 117 0.53 -14.61 4.98
CA PHE A 117 1.94 -14.74 4.69
C PHE A 117 2.70 -13.85 5.64
N SER A 118 3.96 -14.18 5.83
CA SER A 118 4.86 -13.44 6.70
C SER A 118 5.27 -12.05 6.20
N SER A 119 5.15 -11.77 4.90
CA SER A 119 5.43 -10.42 4.40
C SER A 119 4.82 -10.22 3.05
N GLY A 120 4.68 -8.94 2.67
CA GLY A 120 4.22 -8.60 1.35
C GLY A 120 5.07 -9.24 0.30
N PHE A 121 6.39 -9.15 0.49
CA PHE A 121 7.29 -9.72 -0.47
C PHE A 121 7.14 -11.23 -0.61
N MET A 122 6.90 -11.90 0.51
CA MET A 122 6.81 -13.34 0.47
C MET A 122 5.54 -13.76 -0.25
N ALA A 123 4.45 -13.02 -0.02
CA ALA A 123 3.25 -13.21 -0.80
C ALA A 123 3.51 -13.10 -2.31
N ASN A 124 4.24 -12.08 -2.71
CA ASN A 124 4.39 -11.83 -4.13
C ASN A 124 5.23 -12.88 -4.79
N LEU A 125 6.29 -13.24 -4.12
CA LEU A 125 7.12 -14.29 -4.62
C LEU A 125 6.35 -15.58 -4.75
N ALA A 126 5.55 -15.89 -3.75
CA ALA A 126 4.79 -17.11 -3.78
C ALA A 126 3.89 -17.08 -5.01
N ILE A 127 3.20 -15.98 -5.19
CA ILE A 127 2.30 -15.82 -6.33
C ILE A 127 3.02 -15.96 -7.67
N TYR A 128 3.99 -15.07 -7.93
CA TYR A 128 4.61 -15.04 -9.26
C TYR A 128 5.48 -16.25 -9.56
N SER A 129 6.18 -16.78 -8.57
CA SER A 129 7.06 -17.92 -8.86
C SER A 129 6.31 -19.24 -8.99
N THR A 130 5.12 -19.38 -8.41
CA THR A 130 4.41 -20.66 -8.54
C THR A 130 3.34 -20.67 -9.60
N LEU A 131 2.74 -19.53 -9.92
CA LEU A 131 1.72 -19.46 -10.97
C LEU A 131 2.24 -19.02 -12.35
N PHE A 132 3.44 -18.46 -12.41
CA PHE A 132 4.00 -18.05 -13.70
C PHE A 132 5.40 -18.62 -13.99
N SER A 133 5.78 -18.57 -15.27
CA SER A 133 7.10 -18.98 -15.72
C SER A 133 7.60 -17.96 -16.75
N LYS A 134 8.74 -18.26 -17.38
CA LYS A 134 9.30 -17.40 -18.43
C LYS A 134 8.46 -17.37 -19.73
N HIS A 135 7.49 -18.27 -19.87
CA HIS A 135 6.56 -18.27 -21.02
C HIS A 135 5.34 -17.36 -20.89
N ASP A 136 5.15 -16.79 -19.71
CA ASP A 136 4.11 -15.80 -19.54
C ASP A 136 4.68 -14.42 -19.57
N SER A 137 3.76 -13.50 -19.83
CA SER A 137 4.01 -12.09 -19.71
C SER A 137 3.14 -11.55 -18.62
N ILE A 138 3.63 -10.53 -17.93
CA ILE A 138 2.80 -9.75 -17.04
C ILE A 138 2.95 -8.25 -17.32
N PHE A 139 1.80 -7.61 -17.42
CA PHE A 139 1.71 -6.18 -17.72
C PHE A 139 1.68 -5.42 -16.42
N ALA A 140 2.42 -4.33 -16.37
CA ALA A 140 2.58 -3.62 -15.11
C ALA A 140 2.91 -2.16 -15.36
N ASP A 141 2.28 -1.28 -14.57
CA ASP A 141 2.53 0.14 -14.57
C ASP A 141 4.05 0.42 -14.43
N LYS A 142 4.56 1.40 -15.14
CA LYS A 142 5.98 1.77 -15.06
C LYS A 142 6.40 2.04 -13.62
N TYR A 143 5.51 2.53 -12.75
CA TYR A 143 5.90 2.83 -11.35
C TYR A 143 5.55 1.78 -10.35
N ILE A 144 5.22 0.58 -10.78
CA ILE A 144 4.94 -0.44 -9.80
C ILE A 144 6.09 -0.62 -8.81
N HIS A 145 5.77 -0.92 -7.56
CA HIS A 145 6.79 -0.97 -6.52
C HIS A 145 7.86 -2.00 -6.78
N ALA A 146 9.08 -1.63 -6.45
CA ALA A 146 10.25 -2.45 -6.73
C ALA A 146 10.21 -3.85 -6.13
N SER A 147 9.60 -3.99 -4.97
CA SER A 147 9.34 -5.30 -4.40
C SER A 147 8.53 -6.21 -5.33
N ILE A 148 7.48 -5.68 -5.97
CA ILE A 148 6.65 -6.49 -6.88
C ILE A 148 7.47 -6.91 -8.12
N ILE A 149 8.26 -5.97 -8.64
CA ILE A 149 9.14 -6.25 -9.77
C ILE A 149 10.14 -7.35 -9.44
N ASP A 150 10.75 -7.28 -8.26
CA ASP A 150 11.63 -8.32 -7.78
C ASP A 150 10.93 -9.68 -7.83
N GLY A 151 9.76 -9.80 -7.21
CA GLY A 151 9.01 -11.05 -7.27
C GLY A 151 8.80 -11.55 -8.69
N ILE A 152 8.46 -10.64 -9.58
CA ILE A 152 8.15 -11.03 -10.93
C ILE A 152 9.41 -11.49 -11.64
N LYS A 153 10.48 -10.77 -11.43
CA LYS A 153 11.71 -11.08 -12.14
C LYS A 153 12.24 -12.45 -11.70
N LEU A 154 12.09 -12.74 -10.42
CA LEU A 154 12.47 -14.07 -9.89
C LEU A 154 11.61 -15.17 -10.46
N SER A 155 10.33 -14.88 -10.70
CA SER A 155 9.45 -15.80 -11.42
C SER A 155 9.98 -16.09 -12.82
N GLN A 156 10.70 -15.14 -13.40
CA GLN A 156 11.20 -15.11 -14.80
C GLN A 156 10.15 -14.69 -15.87
N ALA A 157 8.92 -14.36 -15.46
CA ALA A 157 7.91 -13.90 -16.42
C ALA A 157 8.42 -12.63 -17.12
N LYS A 158 8.00 -12.46 -18.36
CA LYS A 158 8.36 -11.31 -19.12
C LYS A 158 7.47 -10.15 -18.69
N LEU A 159 8.10 -9.04 -18.31
CA LEU A 159 7.39 -7.85 -17.87
C LEU A 159 7.16 -6.92 -19.06
N ARG A 160 5.97 -6.36 -19.14
CA ARG A 160 5.62 -5.40 -20.16
C ARG A 160 5.03 -4.18 -19.46
N ARG A 161 5.57 -3.02 -19.73
CA ARG A 161 5.31 -1.86 -18.91
C ARG A 161 4.49 -0.84 -19.64
N TYR A 162 3.71 -0.07 -18.89
CA TYR A 162 3.11 1.11 -19.49
C TYR A 162 3.27 2.32 -18.62
N LYS A 163 3.20 3.50 -19.23
CA LYS A 163 3.36 4.75 -18.55
C LYS A 163 2.27 4.97 -17.50
N HIS A 164 2.63 5.73 -16.49
CA HIS A 164 1.86 5.75 -15.26
C HIS A 164 0.41 6.04 -15.45
N GLN A 165 -0.43 5.10 -15.01
CA GLN A 165 -1.90 5.19 -15.14
C GLN A 165 -2.41 5.46 -16.56
N GLN A 166 -1.65 5.12 -17.57
CA GLN A 166 -2.11 5.35 -18.95
C GLN A 166 -2.88 4.13 -19.45
N LEU A 167 -4.08 3.98 -18.98
CA LEU A 167 -4.87 2.81 -19.30
C LEU A 167 -5.04 2.64 -20.82
N SER A 168 -5.11 3.74 -21.53
CA SER A 168 -5.20 3.72 -22.97
C SER A 168 -3.99 3.11 -23.67
N GLN A 169 -2.81 3.45 -23.14
CA GLN A 169 -1.60 2.86 -23.61
C GLN A 169 -1.57 1.37 -23.28
N LEU A 170 -2.09 0.99 -22.11
CA LEU A 170 -2.17 -0.41 -21.75
C LEU A 170 -3.04 -1.13 -22.74
N GLN A 171 -4.17 -0.51 -23.07
CA GLN A 171 -5.05 -1.07 -24.08
C GLN A 171 -4.32 -1.33 -25.41
N ASP A 172 -3.42 -0.41 -25.76
CA ASP A 172 -2.69 -0.44 -27.05
C ASP A 172 -1.66 -1.56 -27.21
N ILE A 173 -1.10 -2.01 -26.09
CA ILE A 173 -0.08 -3.06 -26.06
C ILE A 173 -0.63 -4.37 -25.49
N TYR A 174 -1.83 -4.35 -24.89
CA TYR A 174 -2.33 -5.54 -24.17
C TYR A 174 -2.58 -6.65 -25.16
N ASP A 175 -2.36 -7.89 -24.72
CA ASP A 175 -2.41 -9.05 -25.61
C ASP A 175 -3.72 -9.83 -25.50
N GLY A 176 -4.68 -9.28 -24.79
CA GLY A 176 -5.94 -9.94 -24.59
C GLY A 176 -5.90 -11.17 -23.70
N LYS A 177 -4.73 -11.51 -23.11
CA LYS A 177 -4.70 -12.73 -22.30
C LYS A 177 -3.87 -12.73 -21.02
N SER A 178 -2.87 -11.87 -20.90
CA SER A 178 -1.95 -11.96 -19.77
C SER A 178 -2.48 -11.28 -18.51
N PHE A 179 -1.88 -11.63 -17.39
CA PHE A 179 -2.28 -11.03 -16.14
C PHE A 179 -1.74 -9.60 -16.15
N ILE A 180 -2.39 -8.74 -15.36
CA ILE A 180 -1.88 -7.38 -15.12
C ILE A 180 -1.79 -7.16 -13.63
N THR A 181 -0.70 -6.57 -13.20
CA THR A 181 -0.48 -6.30 -11.79
C THR A 181 -0.45 -4.81 -11.58
N THR A 182 -1.12 -4.37 -10.51
CA THR A 182 -1.19 -2.97 -10.17
C THR A 182 -1.35 -2.76 -8.69
N GLU A 183 -1.24 -1.47 -8.29
CA GLU A 183 -1.35 -1.08 -6.91
C GLU A 183 -2.63 -0.31 -6.79
N GLY A 184 -3.32 -0.50 -5.69
CA GLY A 184 -4.54 0.29 -5.44
C GLY A 184 -4.21 1.77 -5.30
N VAL A 185 -3.29 2.07 -4.38
CA VAL A 185 -2.64 3.38 -4.31
C VAL A 185 -1.17 3.15 -4.49
N PHE A 186 -0.53 3.90 -5.40
CA PHE A 186 0.85 3.69 -5.77
C PHE A 186 1.77 4.32 -4.74
N SER A 187 2.73 3.55 -4.23
CA SER A 187 3.60 4.01 -3.16
C SER A 187 4.42 5.19 -3.63
N THR A 188 4.65 5.23 -4.91
CA THR A 188 5.48 6.22 -5.52
C THR A 188 4.80 7.57 -5.68
N SER A 189 3.64 7.56 -6.30
CA SER A 189 3.03 8.82 -6.65
C SER A 189 1.77 9.13 -5.90
N GLY A 190 1.30 8.17 -5.11
CA GLY A 190 0.03 8.28 -4.49
C GLY A 190 -1.17 8.30 -5.39
N SER A 191 -1.03 7.99 -6.66
CA SER A 191 -2.24 7.85 -7.53
C SER A 191 -3.12 6.64 -7.20
N ILE A 192 -4.42 6.77 -7.51
CA ILE A 192 -5.44 5.76 -7.23
C ILE A 192 -5.85 5.13 -8.56
N THR A 193 -5.50 3.88 -8.77
CA THR A 193 -5.77 3.21 -10.04
C THR A 193 -7.30 3.08 -10.18
N GLN A 194 -7.83 3.36 -11.37
CA GLN A 194 -9.30 3.18 -11.60
C GLN A 194 -9.57 1.74 -11.90
N LEU A 195 -9.79 0.94 -10.88
CA LEU A 195 -9.85 -0.50 -11.09
C LEU A 195 -11.02 -0.88 -11.97
N ASP A 196 -12.07 -0.06 -11.93
CA ASP A 196 -13.26 -0.32 -12.71
C ASP A 196 -13.02 -0.16 -14.20
N LYS A 197 -12.19 0.79 -14.59
CA LYS A 197 -11.82 0.92 -16.00
C LYS A 197 -10.81 -0.15 -16.40
N LEU A 198 -9.94 -0.50 -15.47
CA LEU A 198 -8.93 -1.52 -15.73
C LEU A 198 -9.58 -2.90 -15.99
N ALA A 199 -10.63 -3.20 -15.23
CA ALA A 199 -11.34 -4.47 -15.37
C ALA A 199 -12.05 -4.58 -16.71
N LYS A 200 -12.56 -3.51 -17.26
CA LYS A 200 -13.05 -3.53 -18.65
C LYS A 200 -11.95 -3.91 -19.66
N ILE A 201 -10.74 -3.43 -19.48
CA ILE A 201 -9.65 -3.67 -20.43
C ILE A 201 -9.08 -5.09 -20.30
N THR A 202 -9.01 -5.60 -19.08
CA THR A 202 -8.30 -6.85 -18.79
C THR A 202 -9.18 -7.70 -17.89
N PRO A 203 -10.39 -8.02 -18.35
CA PRO A 203 -11.34 -8.77 -17.53
C PRO A 203 -10.73 -10.11 -17.08
N GLU A 204 -11.00 -10.48 -15.83
CA GLU A 204 -10.51 -11.74 -15.24
C GLU A 204 -8.99 -11.78 -14.95
N LYS A 205 -8.29 -10.67 -15.13
CA LYS A 205 -6.85 -10.81 -15.18
C LYS A 205 -6.10 -9.87 -14.25
N LEU A 206 -6.73 -9.48 -13.17
CA LEU A 206 -6.18 -8.47 -12.29
C LEU A 206 -5.50 -9.05 -11.06
N ILE A 207 -4.30 -8.52 -10.77
CA ILE A 207 -3.67 -8.73 -9.49
C ILE A 207 -3.47 -7.33 -8.92
N VAL A 208 -3.85 -7.12 -7.66
CA VAL A 208 -3.92 -5.81 -7.05
C VAL A 208 -3.23 -5.85 -5.70
N ASP A 209 -2.22 -4.99 -5.50
CA ASP A 209 -1.62 -4.83 -4.19
C ASP A 209 -2.30 -3.69 -3.43
N GLU A 210 -2.73 -3.97 -2.20
CA GLU A 210 -3.54 -3.04 -1.40
C GLU A 210 -2.75 -2.41 -0.27
N ALA A 211 -1.42 -2.47 -0.38
CA ALA A 211 -0.55 -1.90 0.60
C ALA A 211 -1.04 -0.57 1.08
N HIS A 212 -1.29 0.34 0.15
CA HIS A 212 -1.64 1.72 0.50
C HIS A 212 -3.11 2.10 0.39
N SER A 213 -3.96 1.18 -0.01
CA SER A 213 -5.44 1.47 -0.05
C SER A 213 -6.15 0.90 1.16
N PHE A 214 -5.61 -0.16 1.71
CA PHE A 214 -6.29 -0.94 2.71
C PHE A 214 -6.32 -0.11 3.98
N GLY A 215 -7.49 -0.02 4.63
CA GLY A 215 -7.66 0.82 5.79
C GLY A 215 -7.97 2.25 5.43
N VAL A 216 -7.73 2.60 4.18
CA VAL A 216 -7.83 3.98 3.77
C VAL A 216 -8.93 4.20 2.77
N LEU A 217 -9.03 3.37 1.72
CA LEU A 217 -10.11 3.51 0.75
C LEU A 217 -11.24 2.53 1.09
N GLY A 218 -12.38 2.73 0.46
CA GLY A 218 -13.49 1.78 0.63
C GLY A 218 -14.21 1.86 1.96
N LYS A 219 -15.27 1.05 2.05
CA LYS A 219 -16.11 1.08 3.17
C LYS A 219 -15.40 0.58 4.41
N ASN A 220 -15.48 1.36 5.48
CA ASN A 220 -14.74 1.00 6.64
C ASN A 220 -13.24 0.65 6.38
N GLY A 221 -12.68 1.10 5.24
CA GLY A 221 -11.25 0.87 4.98
C GLY A 221 -10.94 -0.50 4.41
N ARG A 222 -11.94 -1.11 3.77
CA ARG A 222 -11.79 -2.42 3.16
C ARG A 222 -10.89 -2.44 1.94
N GLY A 223 -10.77 -1.28 1.29
CA GLY A 223 -9.74 -1.00 0.32
C GLY A 223 -10.19 -0.64 -1.07
N ALA A 224 -9.25 -0.64 -2.01
CA ALA A 224 -9.52 -0.26 -3.41
C ALA A 224 -10.43 -1.22 -4.18
N ILE A 225 -10.15 -2.49 -4.18
CA ILE A 225 -11.09 -3.47 -4.78
C ILE A 225 -12.51 -3.19 -4.29
N ASN A 226 -12.69 -3.08 -2.97
CA ASN A 226 -14.01 -2.80 -2.39
C ASN A 226 -14.62 -1.49 -2.91
N SER A 227 -13.81 -0.44 -2.92
CA SER A 227 -14.35 0.87 -3.27
C SER A 227 -14.72 0.98 -4.75
N PHE A 228 -14.15 0.16 -5.63
CA PHE A 228 -14.54 0.23 -7.03
C PHE A 228 -15.60 -0.87 -7.36
N ARG A 229 -16.03 -1.63 -6.34
CA ARG A 229 -17.01 -2.74 -6.46
C ARG A 229 -16.61 -3.79 -7.46
N ILE A 230 -15.38 -4.26 -7.32
CA ILE A 230 -14.82 -5.27 -8.21
C ILE A 230 -14.97 -6.60 -7.50
N SER A 231 -15.31 -7.64 -8.25
CA SER A 231 -15.50 -8.97 -7.67
C SER A 231 -14.34 -9.85 -8.04
N TYR A 232 -14.12 -10.87 -7.23
CA TYR A 232 -13.10 -11.86 -7.53
C TYR A 232 -13.26 -12.53 -8.89
N LYS A 233 -14.36 -12.27 -9.59
CA LYS A 233 -14.44 -12.68 -10.98
C LYS A 233 -13.54 -11.80 -11.86
N ASN A 234 -13.40 -10.51 -11.53
CA ASN A 234 -12.48 -9.64 -12.26
C ASN A 234 -11.03 -9.69 -11.68
N CYS A 235 -10.91 -9.62 -10.35
CA CYS A 235 -9.59 -9.68 -9.73
C CYS A 235 -9.46 -10.92 -8.89
N LEU A 236 -8.78 -11.92 -9.44
CA LEU A 236 -8.64 -13.22 -8.82
C LEU A 236 -7.80 -13.19 -7.56
N ILE A 237 -6.82 -12.27 -7.53
CA ILE A 237 -5.87 -12.17 -6.46
C ILE A 237 -5.56 -10.74 -6.02
N CYS A 238 -5.85 -10.41 -4.76
CA CYS A 238 -5.45 -9.15 -4.16
C CYS A 238 -4.61 -9.47 -2.94
N VAL A 239 -3.60 -8.64 -2.71
CA VAL A 239 -2.63 -8.90 -1.65
C VAL A 239 -2.75 -7.78 -0.67
N PHE A 240 -2.84 -8.10 0.63
CA PHE A 240 -2.98 -7.08 1.65
C PHE A 240 -1.83 -7.11 2.61
N PRO A 241 -0.79 -6.34 2.31
CA PRO A 241 0.26 -6.12 3.35
C PRO A 241 -0.25 -5.38 4.57
N LEU A 242 0.04 -5.88 5.75
CA LEU A 242 -0.47 -5.33 6.97
C LEU A 242 0.51 -4.39 7.70
N GLY A 243 1.58 -4.02 7.02
CA GLY A 243 2.58 -3.14 7.61
C GLY A 243 2.30 -1.66 7.54
N LYS A 244 1.22 -1.24 6.90
CA LYS A 244 0.93 0.18 6.76
C LYS A 244 -0.22 0.58 7.62
N ALA A 245 -1.35 0.94 7.03
CA ALA A 245 -2.43 1.41 7.86
C ALA A 245 -2.85 0.41 8.94
N PHE A 246 -2.59 -0.86 8.70
CA PHE A 246 -3.05 -1.87 9.62
C PHE A 246 -2.13 -1.83 10.81
N GLY A 247 -0.92 -1.33 10.60
CA GLY A 247 -0.02 -1.11 11.72
C GLY A 247 0.48 -2.40 12.34
N GLY A 248 0.62 -3.45 11.52
CA GLY A 248 1.04 -4.75 12.00
C GLY A 248 2.15 -5.32 11.17
N VAL A 249 2.17 -6.62 10.99
CA VAL A 249 3.14 -7.20 10.11
C VAL A 249 2.53 -8.39 9.39
N GLY A 250 3.06 -8.69 8.22
CA GLY A 250 2.67 -9.82 7.45
C GLY A 250 1.90 -9.34 6.25
N ALA A 251 1.24 -10.27 5.57
CA ALA A 251 0.49 -9.95 4.40
C ALA A 251 -0.61 -11.03 4.22
N VAL A 252 -1.78 -10.65 3.69
CA VAL A 252 -2.84 -11.64 3.43
C VAL A 252 -3.14 -11.66 1.98
N VAL A 253 -3.11 -12.84 1.38
CA VAL A 253 -3.48 -13.00 -0.01
C VAL A 253 -4.95 -13.48 -0.08
N CYS A 254 -5.83 -12.67 -0.70
CA CYS A 254 -7.22 -13.02 -0.95
C CYS A 254 -7.41 -13.47 -2.40
N THR A 255 -7.97 -14.69 -2.54
CA THR A 255 -8.23 -15.36 -3.81
C THR A 255 -9.42 -16.31 -3.77
N THR A 256 -9.65 -16.93 -4.93
CA THR A 256 -10.52 -18.07 -5.13
C THR A 256 -10.00 -19.32 -4.43
N GLU A 257 -10.93 -20.26 -4.24
CA GLU A 257 -10.65 -21.61 -3.74
C GLU A 257 -9.58 -22.33 -4.57
N ALA A 258 -9.68 -22.20 -5.89
CA ALA A 258 -8.78 -22.92 -6.78
C ALA A 258 -7.37 -22.42 -6.58
N ILE A 259 -7.22 -21.11 -6.65
CA ILE A 259 -5.91 -20.55 -6.52
C ILE A 259 -5.36 -20.81 -5.11
N ALA A 260 -6.19 -20.66 -4.10
CA ALA A 260 -5.72 -20.84 -2.72
C ALA A 260 -5.14 -22.24 -2.55
N GLU A 261 -5.92 -23.24 -2.92
CA GLU A 261 -5.52 -24.62 -2.74
C GLU A 261 -4.28 -24.89 -3.56
N TYR A 262 -4.23 -24.36 -4.78
CA TYR A 262 -3.03 -24.50 -5.60
C TYR A 262 -1.82 -23.86 -4.90
N LEU A 263 -2.01 -22.69 -4.30
CA LEU A 263 -0.93 -22.04 -3.59
C LEU A 263 -0.51 -22.82 -2.36
N ILE A 264 -1.48 -23.33 -1.62
CA ILE A 264 -1.16 -24.06 -0.40
C ILE A 264 -0.38 -25.36 -0.70
N GLN A 265 -0.60 -25.94 -1.87
CA GLN A 265 0.05 -27.20 -2.21
C GLN A 265 1.45 -26.94 -2.80
N PHE A 266 1.61 -25.95 -3.69
CA PHE A 266 2.89 -25.75 -4.37
C PHE A 266 3.81 -24.65 -3.81
N ALA A 267 3.28 -23.83 -2.89
CA ALA A 267 4.05 -22.76 -2.25
C ALA A 267 4.20 -23.00 -0.75
N ARG A 268 4.14 -24.27 -0.35
CA ARG A 268 4.23 -24.69 1.05
C ARG A 268 5.47 -24.12 1.74
N ASN A 269 6.61 -24.19 1.07
CA ASN A 269 7.86 -23.69 1.66
C ASN A 269 7.80 -22.22 1.91
N TYR A 270 7.26 -21.49 0.94
CA TYR A 270 7.09 -20.05 1.07
C TYR A 270 6.15 -19.64 2.20
N ILE A 271 5.17 -20.49 2.54
CA ILE A 271 4.18 -20.12 3.55
C ILE A 271 4.62 -20.54 4.94
N TYR A 272 5.17 -21.75 5.07
CA TYR A 272 5.43 -22.33 6.38
C TYR A 272 6.88 -22.17 6.83
N THR A 273 7.85 -22.21 5.93
CA THR A 273 9.25 -21.98 6.34
C THR A 273 9.54 -20.49 6.71
N THR A 274 8.56 -19.61 6.50
CA THR A 274 8.76 -18.20 6.75
C THR A 274 7.68 -17.61 7.63
N ALA A 275 6.84 -18.45 8.25
CA ALA A 275 5.71 -17.95 9.05
C ALA A 275 6.11 -17.08 10.25
N LEU A 276 5.28 -16.10 10.54
CA LEU A 276 5.46 -15.25 11.70
C LEU A 276 5.22 -16.07 12.98
N PRO A 277 5.71 -15.56 14.11
CA PRO A 277 5.44 -16.29 15.34
C PRO A 277 3.94 -16.25 15.72
N PRO A 278 3.35 -17.39 16.09
CA PRO A 278 1.91 -17.45 16.43
C PRO A 278 1.46 -16.52 17.56
N MET A 279 2.38 -16.10 18.41
CA MET A 279 2.05 -15.24 19.54
C MET A 279 1.43 -13.87 19.16
N ILE A 280 1.56 -13.47 17.90
CA ILE A 280 1.02 -12.19 17.47
C ILE A 280 -0.28 -12.28 16.68
N LEU A 281 -0.88 -13.45 16.55
CA LEU A 281 -2.14 -13.56 15.78
C LEU A 281 -3.40 -13.12 16.54
N LYS A 282 -3.38 -13.31 17.86
CA LYS A 282 -4.41 -12.77 18.72
C LYS A 282 -4.46 -11.22 18.54
N ALA A 283 -3.31 -10.55 18.57
CA ALA A 283 -3.29 -9.12 18.36
C ALA A 283 -3.83 -8.73 17.00
N ALA A 284 -3.45 -9.47 15.98
CA ALA A 284 -3.91 -9.19 14.63
C ALA A 284 -5.44 -9.22 14.49
N LEU A 285 -6.11 -10.18 15.13
CA LEU A 285 -7.57 -10.22 15.11
C LEU A 285 -8.18 -8.94 15.65
N ILE A 286 -7.64 -8.48 16.76
CA ILE A 286 -8.09 -7.21 17.34
C ILE A 286 -7.81 -6.04 16.40
N GLN A 287 -6.66 -6.05 15.73
CA GLN A 287 -6.33 -4.89 14.89
C GLN A 287 -7.23 -4.89 13.66
N LEU A 288 -7.67 -6.05 13.20
CA LEU A 288 -8.64 -6.09 12.09
C LEU A 288 -9.91 -5.33 12.47
N LYS A 289 -10.29 -5.43 13.71
CA LYS A 289 -11.48 -4.68 14.20
C LYS A 289 -11.16 -3.21 14.42
N ASN A 290 -9.99 -2.92 14.97
CA ASN A 290 -9.57 -1.55 15.09
C ASN A 290 -9.64 -0.88 13.76
N LEU A 291 -9.11 -1.53 12.73
CA LEU A 291 -9.03 -0.87 11.41
C LEU A 291 -10.44 -0.62 10.95
N GLU A 292 -11.28 -1.66 10.96
CA GLU A 292 -12.71 -1.50 10.70
C GLU A 292 -13.38 -0.35 11.49
N ASN A 293 -13.05 -0.21 12.77
CA ASN A 293 -13.76 0.74 13.60
C ASN A 293 -13.38 2.25 13.49
N VAL A 294 -12.14 2.58 13.12
CA VAL A 294 -11.68 3.97 13.19
C VAL A 294 -12.09 4.77 11.94
N ASN A 295 -13.39 4.86 11.70
CA ASN A 295 -13.87 5.74 10.65
C ASN A 295 -13.57 7.23 10.84
N ASP A 296 -13.51 7.67 12.08
CA ASP A 296 -13.18 9.04 12.35
C ASP A 296 -11.71 9.31 11.98
N ASN A 297 -10.83 8.34 12.16
CA ASN A 297 -9.44 8.49 11.70
C ASN A 297 -9.36 8.61 10.19
N ARG A 298 -10.19 7.87 9.44
CA ARG A 298 -10.21 7.98 7.98
C ARG A 298 -10.69 9.36 7.57
N ALA A 299 -11.69 9.89 8.28
CA ALA A 299 -12.22 11.19 7.94
C ALA A 299 -11.11 12.24 8.20
N ARG A 300 -10.47 12.18 9.34
CA ARG A 300 -9.33 13.09 9.64
C ARG A 300 -8.30 13.04 8.54
N LEU A 301 -7.98 11.84 8.10
CA LEU A 301 -7.01 11.61 7.08
C LEU A 301 -7.37 12.33 5.80
N GLN A 302 -8.61 12.16 5.43
CA GLN A 302 -9.15 12.81 4.25
C GLN A 302 -9.13 14.30 4.34
N GLN A 303 -9.46 14.85 5.50
CA GLN A 303 -9.40 16.24 5.64
C GLN A 303 -7.91 16.69 5.37
N ASN A 304 -6.92 15.97 5.87
CA ASN A 304 -5.49 16.39 5.69
C ASN A 304 -5.12 16.31 4.23
N ILE A 305 -5.68 15.31 3.52
CA ILE A 305 -5.37 15.07 2.12
C ILE A 305 -5.93 16.20 1.30
N THR A 306 -7.16 16.57 1.62
CA THR A 306 -7.85 17.62 0.91
C THR A 306 -7.18 19.00 1.15
N PHE A 307 -6.83 19.28 2.38
CA PHE A 307 -6.10 20.47 2.69
C PHE A 307 -4.76 20.52 1.91
N PHE A 308 -4.00 19.44 1.97
CA PHE A 308 -2.72 19.35 1.27
C PHE A 308 -2.82 19.73 -0.20
N ASN A 309 -3.76 19.10 -0.88
CA ASN A 309 -4.00 19.39 -2.28
C ASN A 309 -4.48 20.82 -2.53
N GLU A 310 -5.25 21.43 -1.65
CA GLU A 310 -5.76 22.77 -1.92
C GLU A 310 -4.59 23.75 -1.73
N LEU A 311 -3.74 23.47 -0.74
CA LEU A 311 -2.58 24.32 -0.46
C LEU A 311 -1.57 24.22 -1.58
N CYS A 312 -1.26 23.03 -2.10
CA CYS A 312 -0.39 22.95 -3.29
C CYS A 312 -1.00 23.65 -4.47
N ASP A 313 -2.31 23.56 -4.67
CA ASP A 313 -2.88 24.27 -5.79
C ASP A 313 -2.63 25.81 -5.60
N ALA A 314 -2.93 26.30 -4.40
CA ALA A 314 -2.83 27.71 -4.11
C ALA A 314 -1.40 28.26 -4.22
N LYS A 315 -0.41 27.42 -3.97
CA LYS A 315 0.98 27.82 -4.09
C LYS A 315 1.62 27.35 -5.41
N ASP A 316 0.81 26.84 -6.32
CA ASP A 316 1.30 26.31 -7.61
C ASP A 316 2.48 25.31 -7.41
N LEU A 317 2.33 24.43 -6.42
CA LEU A 317 3.24 23.33 -6.23
C LEU A 317 2.68 22.14 -7.00
N GLU A 318 3.47 21.49 -7.83
CA GLU A 318 2.94 20.44 -8.68
C GLU A 318 2.99 19.10 -7.98
N LEU A 319 1.86 18.39 -8.05
CA LEU A 319 1.72 16.99 -7.62
C LEU A 319 1.77 15.97 -8.75
N VAL A 320 2.52 14.90 -8.53
CA VAL A 320 2.57 13.79 -9.45
C VAL A 320 1.14 13.33 -9.66
N SER A 321 0.36 13.27 -8.58
CA SER A 321 -1.07 12.97 -8.67
C SER A 321 -1.91 13.80 -7.74
N LYS A 322 -3.05 14.26 -8.26
CA LYS A 322 -4.06 14.98 -7.47
C LYS A 322 -5.15 14.06 -6.87
N ASP A 323 -4.95 12.76 -6.93
CA ASP A 323 -5.93 11.83 -6.33
C ASP A 323 -5.92 12.00 -4.81
N LEU A 324 -7.02 11.61 -4.17
CA LEU A 324 -7.24 11.68 -2.72
C LEU A 324 -6.69 10.50 -1.89
N SER A 325 -5.39 10.38 -1.87
CA SER A 325 -4.68 9.33 -1.13
C SER A 325 -3.67 9.99 -0.19
N PRO A 326 -3.22 9.26 0.80
CA PRO A 326 -2.35 9.82 1.83
C PRO A 326 -0.88 9.98 1.44
N ILE A 327 -0.51 9.52 0.25
CA ILE A 327 0.76 9.78 -0.32
C ILE A 327 0.63 10.94 -1.30
N ARG A 328 1.39 12.00 -1.02
CA ARG A 328 1.37 13.19 -1.82
C ARG A 328 2.82 13.42 -2.30
N SER A 329 3.03 13.41 -3.61
CA SER A 329 4.38 13.47 -4.10
C SER A 329 4.53 14.77 -4.84
N ILE A 330 5.40 15.63 -4.30
CA ILE A 330 5.64 16.93 -4.93
C ILE A 330 6.79 16.90 -5.92
N GLN A 331 6.48 17.37 -7.10
CA GLN A 331 7.40 17.34 -8.23
C GLN A 331 8.40 18.54 -8.22
N LEU A 332 9.68 18.24 -8.10
CA LEU A 332 10.75 19.22 -8.30
C LEU A 332 11.62 18.88 -9.51
N ASN A 333 11.89 19.88 -10.32
CA ASN A 333 12.68 19.65 -11.54
C ASN A 333 14.17 19.52 -11.24
N ASN A 334 14.56 19.72 -9.99
CA ASN A 334 15.94 19.68 -9.62
C ASN A 334 16.22 18.88 -8.32
N ALA A 335 17.05 17.85 -8.49
CA ALA A 335 17.45 16.96 -7.41
C ALA A 335 18.12 17.69 -6.25
N ASN A 336 18.93 18.69 -6.60
CA ASN A 336 19.74 19.40 -5.63
C ASN A 336 18.88 20.22 -4.69
N LEU A 337 17.98 21.00 -5.27
CA LEU A 337 16.90 21.63 -4.55
C LEU A 337 16.14 20.66 -3.61
N ALA A 338 16.06 19.40 -4.01
CA ALA A 338 15.27 18.47 -3.26
C ALA A 338 16.00 17.99 -2.01
N ILE A 339 17.31 17.79 -2.10
CA ILE A 339 18.09 17.36 -0.93
C ILE A 339 18.13 18.49 0.11
N ARG A 340 18.23 19.70 -0.42
CA ARG A 340 18.13 20.95 0.32
C ARG A 340 16.85 21.04 1.12
N LEU A 341 15.72 20.89 0.43
CA LEU A 341 14.42 21.05 1.06
C LEU A 341 14.25 20.06 2.18
N LYS A 342 14.77 18.86 1.93
CA LYS A 342 14.71 17.78 2.88
C LYS A 342 15.49 18.14 4.15
N ASP A 343 16.73 18.58 3.93
CA ASP A 343 17.56 19.02 5.06
C ASP A 343 16.90 20.21 5.72
N LYS A 344 16.47 21.15 4.90
CA LYS A 344 15.70 22.27 5.46
C LYS A 344 14.51 21.84 6.33
N LEU A 345 13.61 21.02 5.77
CA LEU A 345 12.43 20.61 6.51
C LEU A 345 12.88 19.93 7.77
N PHE A 346 13.93 19.10 7.65
CA PHE A 346 14.32 18.33 8.83
C PHE A 346 14.91 19.24 9.95
N GLU A 347 15.56 20.37 9.60
CA GLU A 347 16.03 21.33 10.66
C GLU A 347 14.82 21.92 11.35
N ASN A 348 13.68 21.89 10.67
CA ASN A 348 12.45 22.35 11.27
C ASN A 348 11.61 21.20 11.89
N LYS A 349 12.25 20.08 12.19
CA LYS A 349 11.62 18.95 12.85
C LYS A 349 10.50 18.31 12.01
N ILE A 350 10.63 18.48 10.70
CA ILE A 350 9.76 17.90 9.68
C ILE A 350 10.50 16.91 8.80
N ILE A 351 10.00 15.67 8.78
CA ILE A 351 10.66 14.55 8.10
C ILE A 351 9.83 14.08 6.93
N VAL A 352 10.38 14.23 5.74
CA VAL A 352 9.71 13.70 4.55
C VAL A 352 10.66 12.75 3.84
N SER A 353 10.23 12.21 2.71
CA SER A 353 11.07 11.32 1.96
C SER A 353 11.37 11.91 0.61
N CSD A 354 12.42 11.40 -0.01
CA CSD A 354 12.99 12.00 -1.22
CB CSD A 354 14.30 12.64 -0.72
SG CSD A 354 15.13 13.44 -1.93
C CSD A 354 13.25 10.93 -2.25
O CSD A 354 13.76 9.87 -1.90
OD1 CSD A 354 14.33 14.59 -2.27
OD2 CSD A 354 16.47 13.87 -1.57
N PHE A 355 12.94 11.19 -3.51
CA PHE A 355 13.19 10.20 -4.57
C PHE A 355 13.47 10.86 -5.91
N ARG A 356 14.27 10.18 -6.74
CA ARG A 356 14.50 10.59 -8.15
C ARG A 356 14.29 9.37 -9.06
N TYR A 357 13.46 9.52 -10.11
CA TYR A 357 13.34 8.43 -11.14
C TYR A 357 13.47 8.83 -12.61
N PRO A 358 12.40 9.35 -13.25
CA PRO A 358 12.60 9.75 -14.65
C PRO A 358 13.67 10.85 -14.78
N THR A 359 14.64 10.64 -15.68
CA THR A 359 15.80 11.53 -15.88
C THR A 359 16.08 12.52 -14.73
N GLN A 364 14.22 15.01 -12.87
CA GLN A 364 13.10 15.14 -11.94
C GLN A 364 13.43 14.53 -10.56
N ALA A 365 12.91 15.15 -9.50
CA ALA A 365 13.02 14.63 -8.13
C ALA A 365 11.77 14.98 -7.34
N ILE A 366 11.45 14.11 -6.39
CA ILE A 366 10.14 14.08 -5.75
C ILE A 366 10.36 14.20 -4.26
N LEU A 367 9.63 15.11 -3.62
CA LEU A 367 9.51 15.09 -2.17
C LEU A 367 8.20 14.40 -1.85
N ARG A 368 8.25 13.39 -1.00
CA ARG A 368 7.12 12.53 -0.83
C ARG A 368 6.64 12.59 0.59
N PHE A 369 5.38 13.04 0.71
CA PHE A 369 4.72 13.16 1.98
C PHE A 369 3.78 11.98 2.24
N SER A 370 3.96 11.35 3.38
CA SER A 370 2.99 10.36 3.86
C SER A 370 2.10 11.00 4.90
N LEU A 371 0.84 11.24 4.61
CA LEU A 371 -0.03 11.86 5.64
C LEU A 371 -0.65 10.84 6.57
N HIS A 372 -1.03 11.29 7.76
CA HIS A 372 -1.71 10.41 8.69
CA HIS A 372 -1.63 10.43 8.77
C HIS A 372 -2.82 11.16 9.39
N SER A 373 -3.71 10.39 9.99
CA SER A 373 -4.89 10.92 10.60
C SER A 373 -4.63 11.92 11.75
N ASN A 374 -3.47 11.84 12.39
N ASN A 374 -3.48 11.83 12.41
CA ASN A 374 -3.13 12.78 13.46
CA ASN A 374 -3.15 12.79 13.47
C ASN A 374 -2.34 13.99 13.04
C ASN A 374 -2.25 13.93 13.05
N ASN A 375 -2.04 14.12 11.75
CA ASN A 375 -1.35 15.29 11.26
C ASN A 375 -2.35 16.44 11.32
N THR A 376 -1.86 17.69 11.45
CA THR A 376 -2.69 18.90 11.47
C THR A 376 -2.44 19.77 10.24
N PHE A 377 -3.29 20.77 9.99
CA PHE A 377 -3.15 21.62 8.87
C PHE A 377 -1.95 22.56 9.14
N ASP A 378 -1.66 22.91 10.40
CA ASP A 378 -0.53 23.81 10.70
C ASP A 378 0.78 23.14 10.26
N GLN A 379 0.95 21.86 10.59
CA GLN A 379 2.11 21.10 10.14
C GLN A 379 2.22 21.08 8.61
N ILE A 380 1.12 20.76 7.91
CA ILE A 380 1.14 20.66 6.46
C ILE A 380 1.39 22.05 5.87
N GLN A 381 0.73 23.07 6.41
CA GLN A 381 1.00 24.47 6.00
C GLN A 381 2.48 24.89 6.15
N GLN A 382 3.06 24.61 7.31
CA GLN A 382 4.44 24.98 7.57
C GLN A 382 5.39 24.35 6.54
N ALA A 383 5.14 23.07 6.25
CA ALA A 383 5.99 22.33 5.34
C ALA A 383 5.91 22.86 3.92
N LEU A 384 4.71 23.07 3.42
CA LEU A 384 4.56 23.63 2.06
C LEU A 384 4.98 25.11 1.93
N GLU A 385 4.77 25.88 2.97
CA GLU A 385 5.29 27.23 3.03
C GLU A 385 6.77 27.22 2.78
N ILE A 386 7.50 26.42 3.53
CA ILE A 386 8.97 26.29 3.38
C ILE A 386 9.36 25.80 1.97
N ILE A 387 8.59 24.86 1.41
CA ILE A 387 8.90 24.37 0.07
C ILE A 387 8.67 25.49 -0.93
N SER A 388 7.58 26.22 -0.73
CA SER A 388 7.11 27.15 -1.75
C SER A 388 8.12 28.29 -1.84
N LYS A 389 8.59 28.67 -0.67
CA LYS A 389 9.53 29.73 -0.54
C LYS A 389 10.83 29.43 -1.34
N GLU A 390 11.45 28.28 -1.10
CA GLU A 390 12.59 27.85 -1.89
C GLU A 390 12.31 27.68 -3.40
N VAL A 391 11.20 27.06 -3.83
CA VAL A 391 10.98 26.92 -5.29
C VAL A 391 10.94 28.29 -5.98
N LYS A 392 10.46 29.33 -5.30
CA LYS A 392 10.42 30.69 -5.86
C LYS A 392 11.79 31.23 -6.30
N TYR A 393 12.86 30.84 -5.60
CA TYR A 393 14.22 31.23 -6.03
C TYR A 393 14.61 30.51 -7.28
N GLU A 394 14.12 29.30 -7.50
CA GLU A 394 14.44 28.63 -8.76
C GLU A 394 13.79 29.33 -9.97
N TYR A 395 12.71 30.09 -9.76
CA TYR A 395 12.15 30.90 -10.86
C TYR A 395 13.10 32.08 -11.11
N ILE A 396 14.29 31.76 -11.60
CA ILE A 396 15.35 32.73 -11.92
C ILE A 396 16.22 32.12 -13.01
#